data_7E4F
#
_entry.id   7E4F
#
_cell.length_a   139.781
_cell.length_b   139.781
_cell.length_c   90.851
_cell.angle_alpha   90.000
_cell.angle_beta   90.000
_cell.angle_gamma   90.000
#
_symmetry.space_group_name_H-M   'I 4 2 2'
#
loop_
_entity.id
_entity.type
_entity.pdbx_description
1 polymer Enolase
2 non-polymer PHOSPHOENOLPYRUVATE
3 non-polymer DI(HYDROXYETHYL)ETHER
4 non-polymer 1,2-ETHANEDIOL
5 non-polymer 'ACETATE ION'
6 non-polymer 'MAGNESIUM ION'
7 water water
#
_entity_poly.entity_id   1
_entity_poly.type   'polypeptide(L)'
_entity_poly.pdbx_seq_one_letter_code
;MHHHHHHMPIIEQVRAREILDSRGNPTVEVEVALIDGTFARAAVPSGASTGEHEAVELRDGGDRYGGKGVQKAVQAVLDE
IGPAVIGLNADDQRLVDQALVDLDGTPDKSRLGGNAILGVSLAVAKAAADSAELPLFRYVGGPNAHILPVPMMNILNGGA
HADTAVDIQEFMVAPIGAPSFVEALRWGAEVYHALKSVLKKEGLSTGLGDAGGFAPDVAGTTAALDLISRAIESAGLRPG
ADVALALDAAATEFFTDGTGYVFEGTTRTADQMTEFYAGLLGAYPLVSIEDPLSEDDWDGWAALTASIGDRVQIVGDDIF
VTNPERLEEGIERGVANALLVKVNQIGTLTETLDAVTLAHHGGYRTMISHRSGETEDTMIADLAVAIGSGQIKTGAPARS
ERVAKYNQLLRIEEALGDAARYAGDLAFPRFACETK
;
_entity_poly.pdbx_strand_id   A
#
loop_
_chem_comp.id
_chem_comp.type
_chem_comp.name
_chem_comp.formula
ACT non-polymer 'ACETATE ION' 'C2 H3 O2 -1'
EDO non-polymer 1,2-ETHANEDIOL 'C2 H6 O2'
MG non-polymer 'MAGNESIUM ION' 'Mg 2'
PEG non-polymer DI(HYDROXYETHYL)ETHER 'C4 H10 O3'
PEP non-polymer PHOSPHOENOLPYRUVATE 'C3 H5 O6 P'
#
# COMPACT_ATOMS: atom_id res chain seq x y z
N MET A 8 24.23 4.44 -23.10
CA MET A 8 24.95 3.63 -22.01
C MET A 8 23.97 2.73 -21.23
N PRO A 9 22.79 3.18 -20.70
CA PRO A 9 22.01 2.32 -19.79
C PRO A 9 21.11 1.42 -20.64
N ILE A 10 21.72 0.72 -21.62
CA ILE A 10 21.02 -0.20 -22.56
C ILE A 10 20.81 -1.52 -21.81
N ILE A 11 19.57 -1.98 -21.81
CA ILE A 11 19.22 -3.30 -21.20
C ILE A 11 19.97 -4.40 -21.96
N GLU A 12 20.79 -5.13 -21.24
CA GLU A 12 21.61 -6.23 -21.81
C GLU A 12 21.05 -7.60 -21.41
N GLN A 13 20.73 -7.79 -20.14
CA GLN A 13 20.23 -9.10 -19.64
C GLN A 13 19.07 -8.94 -18.68
N VAL A 14 18.12 -9.86 -18.76
CA VAL A 14 16.96 -9.92 -17.83
C VAL A 14 16.76 -11.37 -17.40
N ARG A 15 16.82 -11.62 -16.10
CA ARG A 15 16.49 -12.95 -15.54
C ARG A 15 15.55 -12.80 -14.34
N ALA A 16 14.76 -13.82 -14.10
CA ALA A 16 13.85 -13.92 -12.94
C ALA A 16 14.15 -15.20 -12.16
N ARG A 17 13.74 -15.25 -10.90
CA ARG A 17 13.75 -16.51 -10.13
C ARG A 17 12.54 -16.51 -9.25
N GLU A 18 12.17 -17.69 -8.80
CA GLU A 18 11.11 -17.85 -7.78
C GLU A 18 11.69 -17.68 -6.39
N ILE A 19 11.15 -16.83 -5.54
CA ILE A 19 11.64 -16.65 -4.14
C ILE A 19 10.42 -16.76 -3.27
N LEU A 20 10.57 -16.68 -1.95
CA LEU A 20 9.38 -16.57 -1.08
C LEU A 20 9.11 -15.15 -0.58
N ASP A 21 7.81 -14.87 -0.40
CA ASP A 21 7.31 -13.61 0.20
C ASP A 21 7.24 -13.78 1.72
N SER A 22 6.85 -12.72 2.43
CA SER A 22 6.83 -12.69 3.90
C SER A 22 5.82 -13.69 4.46
N ARG A 23 4.94 -14.23 3.65
CA ARG A 23 3.95 -15.21 4.14
C ARG A 23 4.40 -16.61 3.75
N GLY A 24 5.58 -16.74 3.18
CA GLY A 24 6.09 -18.03 2.71
C GLY A 24 5.42 -18.49 1.43
N ASN A 25 4.82 -17.62 0.64
CA ASN A 25 4.35 -18.09 -0.69
C ASN A 25 5.29 -17.59 -1.76
N PRO A 26 5.38 -18.32 -2.89
CA PRO A 26 6.28 -17.89 -3.96
C PRO A 26 5.89 -16.54 -4.56
N THR A 27 6.91 -15.79 -5.00
CA THR A 27 6.74 -14.56 -5.78
C THR A 27 7.94 -14.43 -6.70
N VAL A 28 7.84 -13.51 -7.64
CA VAL A 28 8.82 -13.20 -8.69
C VAL A 28 9.82 -12.15 -8.19
N GLU A 29 11.08 -12.45 -8.49
CA GLU A 29 12.23 -11.53 -8.35
C GLU A 29 12.88 -11.42 -9.73
N VAL A 30 13.16 -10.21 -10.18
CA VAL A 30 13.80 -9.96 -11.49
C VAL A 30 15.17 -9.33 -11.29
N GLU A 31 16.14 -9.70 -12.12
CA GLU A 31 17.40 -8.92 -12.23
C GLU A 31 17.57 -8.41 -13.67
N VAL A 32 18.02 -7.16 -13.77
CA VAL A 32 18.31 -6.46 -15.04
C VAL A 32 19.78 -6.02 -14.99
N ALA A 33 20.57 -6.37 -16.00
CA ALA A 33 21.94 -5.86 -16.23
C ALA A 33 21.95 -4.97 -17.48
N LEU A 34 22.62 -3.83 -17.36
CA LEU A 34 22.81 -2.84 -18.44
C LEU A 34 24.19 -3.10 -19.06
N ILE A 35 24.41 -2.61 -20.27
CA ILE A 35 25.73 -2.85 -20.93
C ILE A 35 26.85 -2.10 -20.19
N ASP A 36 26.56 -1.05 -19.42
CA ASP A 36 27.57 -0.29 -18.64
C ASP A 36 27.92 -0.97 -17.30
N GLY A 37 27.43 -2.19 -17.05
CA GLY A 37 27.74 -2.99 -15.86
C GLY A 37 26.76 -2.80 -14.71
N THR A 38 25.76 -1.95 -14.89
CA THR A 38 24.74 -1.72 -13.84
C THR A 38 23.89 -2.99 -13.64
N PHE A 39 23.73 -3.41 -12.39
CA PHE A 39 22.90 -4.57 -12.01
C PHE A 39 21.85 -4.15 -10.98
N ALA A 40 20.59 -4.42 -11.25
CA ALA A 40 19.50 -4.08 -10.30
C ALA A 40 18.56 -5.27 -10.08
N ARG A 41 18.01 -5.37 -8.89
CA ARG A 41 17.09 -6.44 -8.48
C ARG A 41 15.79 -5.87 -7.91
N ALA A 42 14.66 -6.40 -8.34
CA ALA A 42 13.34 -6.00 -7.84
C ALA A 42 12.49 -7.24 -7.53
N ALA A 43 11.74 -7.19 -6.44
CA ALA A 43 10.80 -8.27 -6.06
C ALA A 43 9.35 -7.76 -6.08
N VAL A 44 8.43 -8.65 -6.35
CA VAL A 44 6.99 -8.35 -6.57
C VAL A 44 6.26 -8.75 -5.32
N PRO A 45 5.49 -7.83 -4.71
CA PRO A 45 4.64 -8.21 -3.58
C PRO A 45 3.41 -8.93 -4.13
N SER A 46 2.68 -9.53 -3.21
CA SER A 46 1.44 -10.26 -3.51
C SER A 46 0.40 -10.04 -2.40
N GLY A 47 -0.84 -9.77 -2.77
CA GLY A 47 -1.92 -9.56 -1.80
C GLY A 47 -2.53 -10.88 -1.42
N ALA A 48 -2.92 -10.99 -0.14
CA ALA A 48 -3.57 -12.18 0.49
C ALA A 48 -4.94 -12.36 -0.16
N SER A 49 -5.83 -11.35 -0.02
CA SER A 49 -7.09 -11.17 -0.78
C SER A 49 -6.87 -10.00 -1.76
N THR A 50 -7.15 -10.26 -3.05
CA THR A 50 -7.00 -9.31 -4.20
C THR A 50 -8.36 -8.70 -4.58
N GLY A 51 -8.40 -7.41 -4.97
CA GLY A 51 -9.52 -6.81 -5.73
C GLY A 51 -9.89 -7.59 -7.01
N GLU A 52 -11.17 -7.63 -7.39
CA GLU A 52 -11.66 -8.19 -8.69
C GLU A 52 -10.88 -7.60 -9.90
N HIS A 53 -10.49 -6.32 -9.87
CA HIS A 53 -10.01 -5.55 -11.05
C HIS A 53 -8.46 -5.42 -11.09
N GLU A 54 -7.81 -6.06 -10.16
CA GLU A 54 -6.34 -5.98 -10.13
C GLU A 54 -5.76 -6.70 -11.35
N ALA A 55 -4.55 -6.33 -11.72
CA ALA A 55 -3.79 -7.04 -12.77
C ALA A 55 -3.61 -8.50 -12.33
N VAL A 56 -3.66 -9.42 -13.28
CA VAL A 56 -3.59 -10.88 -12.98
C VAL A 56 -2.17 -11.38 -12.68
N GLU A 57 -1.99 -12.03 -11.55
CA GLU A 57 -0.76 -12.80 -11.25
C GLU A 57 -0.81 -14.13 -11.98
N LEU A 58 0.17 -14.44 -12.80
CA LEU A 58 0.38 -15.84 -13.28
C LEU A 58 0.81 -16.76 -12.09
N ARG A 59 0.03 -17.79 -11.76
CA ARG A 59 0.45 -18.85 -10.81
C ARG A 59 0.35 -20.22 -11.50
N ASP A 60 1.15 -21.16 -11.03
CA ASP A 60 1.50 -22.36 -11.81
C ASP A 60 0.36 -23.37 -11.71
N GLY A 61 -0.33 -23.38 -10.58
CA GLY A 61 -1.31 -24.41 -10.27
C GLY A 61 -0.62 -25.70 -9.86
N GLY A 62 -1.34 -26.81 -9.76
CA GLY A 62 -0.65 -28.06 -9.38
C GLY A 62 -0.36 -28.20 -7.90
N ASP A 63 0.32 -29.29 -7.54
CA ASP A 63 0.66 -29.66 -6.15
C ASP A 63 1.64 -28.67 -5.52
N ARG A 64 2.64 -28.24 -6.27
CA ARG A 64 3.76 -27.42 -5.75
C ARG A 64 3.29 -26.14 -5.06
N TYR A 65 3.69 -25.95 -3.81
CA TYR A 65 3.41 -24.73 -3.01
C TYR A 65 1.91 -24.40 -2.97
N GLY A 66 1.03 -25.39 -2.91
CA GLY A 66 -0.43 -25.22 -2.94
C GLY A 66 -0.91 -24.53 -4.20
N GLY A 67 -0.27 -24.76 -5.34
CA GLY A 67 -0.62 -24.18 -6.65
C GLY A 67 -0.15 -22.74 -6.87
N LYS A 68 0.51 -22.13 -5.92
CA LYS A 68 0.99 -20.72 -5.95
C LYS A 68 2.42 -20.56 -6.49
N GLY A 69 2.96 -21.55 -7.17
CA GLY A 69 4.30 -21.41 -7.79
C GLY A 69 4.30 -20.32 -8.83
N VAL A 70 5.45 -19.76 -9.17
CA VAL A 70 5.55 -18.74 -10.22
C VAL A 70 6.65 -19.10 -11.21
N GLN A 71 6.91 -20.40 -11.41
CA GLN A 71 7.91 -20.80 -12.44
CA GLN A 71 7.82 -20.96 -12.46
C GLN A 71 7.35 -20.42 -13.84
N LYS A 72 6.04 -20.32 -14.06
CA LYS A 72 5.56 -19.90 -15.41
C LYS A 72 5.89 -18.40 -15.62
N ALA A 73 5.75 -17.60 -14.57
CA ALA A 73 6.11 -16.16 -14.66
C ALA A 73 7.61 -16.03 -14.91
N VAL A 74 8.42 -16.84 -14.23
CA VAL A 74 9.90 -16.82 -14.42
C VAL A 74 10.22 -17.18 -15.87
N GLN A 75 9.57 -18.21 -16.40
CA GLN A 75 9.76 -18.65 -17.80
C GLN A 75 9.32 -17.54 -18.76
N ALA A 76 8.22 -16.87 -18.48
CA ALA A 76 7.78 -15.76 -19.35
C ALA A 76 8.85 -14.67 -19.39
N VAL A 77 9.49 -14.35 -18.25
CA VAL A 77 10.54 -13.28 -18.25
C VAL A 77 11.67 -13.73 -19.17
N LEU A 78 12.07 -14.97 -19.10
CA LEU A 78 13.23 -15.46 -19.88
C LEU A 78 12.81 -15.67 -21.34
N ASP A 79 11.67 -16.31 -21.63
CA ASP A 79 11.28 -16.70 -23.02
C ASP A 79 10.81 -15.49 -23.84
N GLU A 80 10.02 -14.57 -23.25
CA GLU A 80 9.34 -13.49 -24.01
C GLU A 80 9.76 -12.09 -23.54
N ILE A 81 9.73 -11.73 -22.26
CA ILE A 81 9.91 -10.30 -21.86
C ILE A 81 11.36 -9.87 -22.09
N GLY A 82 12.32 -10.70 -21.68
CA GLY A 82 13.76 -10.42 -21.83
C GLY A 82 14.05 -10.05 -23.28
N PRO A 83 13.75 -10.96 -24.24
CA PRO A 83 13.93 -10.64 -25.66
C PRO A 83 13.21 -9.38 -26.18
N ALA A 84 12.05 -8.99 -25.65
CA ALA A 84 11.41 -7.72 -26.04
C ALA A 84 12.15 -6.47 -25.51
N VAL A 85 12.96 -6.51 -24.43
CA VAL A 85 13.47 -5.24 -23.79
C VAL A 85 15.00 -5.16 -23.84
N ILE A 86 15.71 -6.23 -24.14
CA ILE A 86 17.17 -6.13 -24.37
C ILE A 86 17.38 -5.22 -25.58
N GLY A 87 18.30 -4.29 -25.44
CA GLY A 87 18.53 -3.25 -26.44
C GLY A 87 17.76 -1.97 -26.13
N LEU A 88 16.69 -1.98 -25.32
CA LEU A 88 16.04 -0.69 -25.01
C LEU A 88 16.91 0.06 -24.01
N ASN A 89 16.60 1.33 -23.88
CA ASN A 89 17.28 2.19 -22.90
C ASN A 89 16.49 2.10 -21.60
N ALA A 90 17.16 1.86 -20.48
CA ALA A 90 16.49 1.77 -19.16
C ALA A 90 15.84 3.09 -18.74
N ASP A 91 16.37 4.24 -19.16
CA ASP A 91 15.82 5.60 -18.89
C ASP A 91 14.46 5.80 -19.53
N ASP A 92 14.18 5.11 -20.63
CA ASP A 92 12.86 5.20 -21.31
C ASP A 92 11.87 4.26 -20.62
N GLN A 93 11.52 4.56 -19.38
CA GLN A 93 10.60 3.75 -18.57
C GLN A 93 9.29 3.57 -19.33
N ARG A 94 8.75 4.66 -19.88
CA ARG A 94 7.49 4.63 -20.62
C ARG A 94 7.59 3.72 -21.85
N LEU A 95 8.70 3.76 -22.58
CA LEU A 95 8.92 2.86 -23.75
C LEU A 95 9.01 1.43 -23.26
N VAL A 96 9.71 1.19 -22.16
CA VAL A 96 9.84 -0.18 -21.63
C VAL A 96 8.49 -0.70 -21.14
N ASP A 97 7.76 0.11 -20.40
CA ASP A 97 6.47 -0.35 -19.87
C ASP A 97 5.50 -0.55 -21.04
N GLN A 98 5.65 0.28 -22.07
CA GLN A 98 4.71 0.13 -23.22
C GLN A 98 5.01 -1.19 -23.91
N ALA A 99 6.29 -1.49 -24.15
CA ALA A 99 6.73 -2.74 -24.78
C ALA A 99 6.21 -3.93 -24.00
N LEU A 100 6.18 -3.85 -22.65
CA LEU A 100 5.72 -4.96 -21.77
C LEU A 100 4.22 -5.10 -21.97
N VAL A 101 3.47 -4.01 -21.83
CA VAL A 101 1.99 -3.97 -22.00
C VAL A 101 1.61 -4.46 -23.42
N ASP A 102 2.36 -4.05 -24.45
CA ASP A 102 2.02 -4.45 -25.84
C ASP A 102 2.30 -5.93 -26.01
N LEU A 103 3.36 -6.45 -25.40
CA LEU A 103 3.79 -7.86 -25.56
C LEU A 103 2.79 -8.79 -24.89
N ASP A 104 2.26 -8.38 -23.75
CA ASP A 104 1.20 -9.17 -23.08
C ASP A 104 -0.05 -9.19 -24.00
N GLY A 105 -0.51 -8.00 -24.36
CA GLY A 105 -1.63 -7.79 -25.28
C GLY A 105 -2.99 -7.98 -24.62
N THR A 106 -3.06 -8.15 -23.31
CA THR A 106 -4.36 -8.25 -22.58
C THR A 106 -4.54 -6.97 -21.77
N PRO A 107 -5.80 -6.57 -21.45
CA PRO A 107 -6.03 -5.42 -20.58
C PRO A 107 -5.55 -5.58 -19.10
N ASP A 108 -5.58 -6.84 -18.56
CA ASP A 108 -5.35 -7.21 -17.14
CA ASP A 108 -5.26 -7.06 -17.12
C ASP A 108 -3.98 -7.91 -16.95
N LYS A 109 -3.18 -8.05 -18.01
CA LYS A 109 -1.84 -8.72 -17.95
C LYS A 109 -1.95 -10.22 -17.58
N SER A 110 -2.99 -10.87 -18.09
CA SER A 110 -3.32 -12.29 -17.80
C SER A 110 -2.44 -13.22 -18.64
N ARG A 111 -1.71 -12.72 -19.66
CA ARG A 111 -0.94 -13.60 -20.55
C ARG A 111 0.46 -13.82 -19.95
N LEU A 112 1.19 -12.78 -19.58
CA LEU A 112 2.54 -12.92 -18.99
C LEU A 112 2.46 -12.73 -17.47
N GLY A 113 1.39 -12.12 -16.98
CA GLY A 113 1.26 -11.92 -15.53
C GLY A 113 1.72 -10.55 -15.13
N GLY A 114 0.87 -9.82 -14.39
CA GLY A 114 1.23 -8.59 -13.69
C GLY A 114 2.48 -8.79 -12.85
N ASN A 115 2.70 -9.98 -12.33
CA ASN A 115 3.88 -10.32 -11.47
C ASN A 115 5.16 -10.37 -12.35
N ALA A 116 5.13 -11.00 -13.52
CA ALA A 116 6.30 -11.02 -14.44
C ALA A 116 6.57 -9.60 -14.96
N ILE A 117 5.53 -8.88 -15.36
CA ILE A 117 5.72 -7.53 -15.94
C ILE A 117 6.16 -6.56 -14.84
N LEU A 118 5.56 -6.55 -13.69
CA LEU A 118 5.99 -5.56 -12.71
C LEU A 118 7.47 -5.76 -12.31
N GLY A 119 7.91 -6.99 -12.11
CA GLY A 119 9.31 -7.27 -11.76
C GLY A 119 10.23 -6.56 -12.68
N VAL A 120 9.94 -6.62 -14.00
CA VAL A 120 10.82 -6.05 -15.04
C VAL A 120 10.72 -4.54 -14.99
N SER A 121 9.52 -4.01 -14.88
CA SER A 121 9.30 -2.57 -14.86
C SER A 121 10.11 -1.98 -13.71
N LEU A 122 10.07 -2.64 -12.54
CA LEU A 122 10.72 -2.09 -11.33
C LEU A 122 12.23 -2.23 -11.43
N ALA A 123 12.72 -3.38 -11.93
CA ALA A 123 14.15 -3.66 -11.96
C ALA A 123 14.83 -2.69 -12.94
N VAL A 124 14.12 -2.39 -14.04
CA VAL A 124 14.58 -1.43 -15.07
C VAL A 124 14.68 -0.06 -14.41
N ALA A 125 13.68 0.37 -13.66
CA ALA A 125 13.70 1.70 -13.02
C ALA A 125 14.88 1.77 -12.04
N LYS A 126 15.10 0.70 -11.28
CA LYS A 126 16.25 0.64 -10.35
C LYS A 126 17.59 0.73 -11.11
N ALA A 127 17.73 0.03 -12.23
CA ALA A 127 18.98 0.02 -12.99
C ALA A 127 19.23 1.41 -13.60
N ALA A 128 18.18 2.06 -14.13
CA ALA A 128 18.31 3.43 -14.65
C ALA A 128 18.82 4.38 -13.53
N ALA A 129 18.33 4.25 -12.29
CA ALA A 129 18.67 5.19 -11.20
C ALA A 129 20.14 4.96 -10.80
N ASP A 130 20.54 3.69 -10.70
CA ASP A 130 21.96 3.33 -10.43
C ASP A 130 22.79 3.91 -11.57
N SER A 131 22.35 3.72 -12.79
CA SER A 131 23.16 4.20 -13.94
C SER A 131 23.31 5.71 -13.84
N ALA A 132 22.27 6.44 -13.52
CA ALA A 132 22.36 7.91 -13.39
C ALA A 132 23.10 8.32 -12.11
N GLU A 133 23.42 7.35 -11.28
CA GLU A 133 24.01 7.56 -9.93
C GLU A 133 23.11 8.45 -9.07
N LEU A 134 21.84 8.15 -9.06
CA LEU A 134 20.86 8.90 -8.24
C LEU A 134 20.14 7.88 -7.39
N PRO A 135 19.82 8.21 -6.12
CA PRO A 135 19.05 7.28 -5.31
C PRO A 135 17.69 7.17 -5.99
N LEU A 136 17.07 6.02 -5.85
CA LEU A 136 15.77 5.70 -6.49
C LEU A 136 14.73 6.81 -6.30
N PHE A 137 14.57 7.35 -5.10
CA PHE A 137 13.56 8.41 -4.84
C PHE A 137 13.84 9.65 -5.71
N ARG A 138 15.10 10.04 -5.88
CA ARG A 138 15.50 11.19 -6.71
C ARG A 138 15.34 10.91 -8.21
N TYR A 139 15.74 9.72 -8.65
CA TYR A 139 15.54 9.34 -10.06
C TYR A 139 14.05 9.38 -10.42
N VAL A 140 13.18 8.84 -9.58
CA VAL A 140 11.74 8.78 -9.97
C VAL A 140 11.07 10.17 -9.75
N GLY A 141 11.48 10.91 -8.72
CA GLY A 141 10.74 12.11 -8.28
C GLY A 141 11.44 13.40 -8.66
N GLY A 142 12.66 13.32 -9.18
CA GLY A 142 13.48 14.51 -9.46
C GLY A 142 14.05 15.14 -8.19
N PRO A 143 14.77 16.27 -8.32
CA PRO A 143 15.54 16.85 -7.23
C PRO A 143 14.63 17.50 -6.19
N ASN A 144 13.35 17.60 -6.46
CA ASN A 144 12.41 18.11 -5.45
C ASN A 144 11.77 16.96 -4.65
N ALA A 145 12.18 15.72 -4.82
CA ALA A 145 11.62 14.65 -3.97
C ALA A 145 12.24 14.79 -2.57
N HIS A 146 11.46 15.25 -1.59
CA HIS A 146 12.03 15.45 -0.25
C HIS A 146 11.02 15.25 0.88
N ILE A 147 9.81 14.83 0.58
CA ILE A 147 8.80 14.76 1.68
C ILE A 147 8.75 13.37 2.27
N LEU A 148 9.05 13.28 3.56
CA LEU A 148 8.98 11.99 4.29
C LEU A 148 7.51 11.80 4.65
N PRO A 149 6.92 10.63 4.39
CA PRO A 149 5.52 10.39 4.65
C PRO A 149 5.20 10.08 6.11
N VAL A 150 3.96 10.35 6.50
CA VAL A 150 3.44 9.92 7.82
C VAL A 150 3.27 8.41 7.68
N PRO A 151 3.87 7.60 8.56
CA PRO A 151 3.69 6.17 8.53
C PRO A 151 2.32 5.82 9.14
N MET A 152 1.49 5.14 8.37
CA MET A 152 0.15 4.67 8.74
C MET A 152 0.32 3.21 9.15
N MET A 153 0.53 2.99 10.44
CA MET A 153 0.92 1.68 11.00
C MET A 153 -0.29 0.91 11.51
N ASN A 154 -0.48 -0.27 10.94
CA ASN A 154 -1.61 -1.17 11.26
C ASN A 154 -1.18 -2.03 12.44
N ILE A 155 -1.59 -1.65 13.64
CA ILE A 155 -1.14 -2.36 14.86
C ILE A 155 -2.23 -3.29 15.40
N LEU A 156 -3.41 -3.30 14.81
CA LEU A 156 -4.48 -4.18 15.31
C LEU A 156 -5.41 -4.52 14.15
N ASN A 157 -5.66 -5.81 13.97
CA ASN A 157 -6.35 -6.42 12.80
C ASN A 157 -7.78 -6.84 13.17
N GLY A 158 -8.65 -6.90 12.16
CA GLY A 158 -10.05 -7.33 12.20
C GLY A 158 -10.43 -7.89 10.85
N GLY A 159 -11.71 -8.09 10.58
CA GLY A 159 -12.23 -8.39 9.24
C GLY A 159 -11.78 -9.75 8.77
N ALA A 160 -11.32 -9.86 7.51
CA ALA A 160 -10.85 -11.11 6.87
C ALA A 160 -9.42 -11.48 7.35
N HIS A 161 -8.88 -10.71 8.27
CA HIS A 161 -7.49 -10.96 8.75
C HIS A 161 -7.53 -11.58 10.15
N ALA A 162 -8.71 -12.00 10.58
CA ALA A 162 -8.84 -12.62 11.92
C ALA A 162 -10.12 -13.43 11.97
N ASP A 163 -10.31 -14.10 13.09
CA ASP A 163 -11.61 -14.74 13.31
C ASP A 163 -12.08 -14.15 14.62
N THR A 164 -12.57 -12.93 14.50
CA THR A 164 -13.06 -12.15 15.66
C THR A 164 -14.36 -11.46 15.27
N ALA A 165 -14.87 -10.67 16.18
CA ALA A 165 -16.11 -9.87 16.00
C ALA A 165 -15.85 -8.59 15.23
N VAL A 166 -14.58 -8.28 14.95
CA VAL A 166 -14.18 -6.96 14.39
C VAL A 166 -14.27 -7.11 12.87
N ASP A 167 -15.14 -6.34 12.23
CA ASP A 167 -15.32 -6.37 10.75
C ASP A 167 -14.37 -5.37 10.05
N ILE A 168 -14.02 -4.25 10.72
CA ILE A 168 -12.97 -3.30 10.23
C ILE A 168 -11.64 -4.07 10.13
N GLN A 169 -11.00 -4.05 8.97
CA GLN A 169 -9.80 -4.88 8.67
C GLN A 169 -8.53 -4.35 9.38
N GLU A 170 -8.27 -3.05 9.38
CA GLU A 170 -6.97 -2.56 9.89
C GLU A 170 -7.21 -1.35 10.76
N PHE A 171 -6.57 -1.28 11.91
CA PHE A 171 -6.62 -0.10 12.81
C PHE A 171 -5.20 0.44 12.82
N MET A 172 -5.01 1.67 12.32
CA MET A 172 -3.67 2.26 12.13
C MET A 172 -3.50 3.41 13.12
N VAL A 173 -2.25 3.63 13.51
CA VAL A 173 -1.84 4.87 14.19
C VAL A 173 -1.05 5.69 13.18
N ALA A 174 -1.15 7.01 13.30
CA ALA A 174 -0.52 7.99 12.41
C ALA A 174 0.17 9.06 13.24
N PRO A 175 1.50 9.00 13.41
CA PRO A 175 2.20 9.96 14.28
C PRO A 175 2.36 11.31 13.60
N ILE A 176 1.25 11.99 13.39
CA ILE A 176 1.17 13.27 12.62
C ILE A 176 1.86 14.38 13.39
N GLY A 177 1.93 14.37 14.70
CA GLY A 177 2.45 15.57 15.35
C GLY A 177 3.93 15.52 15.54
N ALA A 178 4.59 14.46 15.03
CA ALA A 178 6.04 14.27 15.16
C ALA A 178 6.75 15.36 14.36
N PRO A 179 7.93 15.83 14.82
CA PRO A 179 8.74 16.81 14.08
C PRO A 179 9.50 16.29 12.86
N SER A 180 9.76 14.99 12.82
CA SER A 180 10.63 14.35 11.81
C SER A 180 10.14 12.93 11.58
N PHE A 181 10.52 12.27 10.51
CA PHE A 181 10.20 10.84 10.30
C PHE A 181 10.92 9.96 11.35
N VAL A 182 12.17 10.26 11.68
CA VAL A 182 12.88 9.46 12.70
C VAL A 182 12.09 9.48 14.03
N GLU A 183 11.56 10.62 14.45
CA GLU A 183 10.76 10.67 15.68
C GLU A 183 9.44 9.95 15.44
N ALA A 184 8.79 10.20 14.32
CA ALA A 184 7.49 9.57 13.97
C ALA A 184 7.60 8.06 14.08
N LEU A 185 8.64 7.50 13.52
CA LEU A 185 8.88 6.03 13.59
C LEU A 185 8.92 5.62 15.07
N ARG A 186 9.72 6.29 15.88
CA ARG A 186 9.87 5.96 17.33
C ARG A 186 8.52 6.03 18.03
N TRP A 187 7.76 7.09 17.79
CA TRP A 187 6.41 7.20 18.37
C TRP A 187 5.61 5.96 18.01
N GLY A 188 5.61 5.54 16.76
CA GLY A 188 4.87 4.37 16.26
C GLY A 188 5.31 3.10 16.95
N ALA A 189 6.60 2.86 17.00
CA ALA A 189 7.19 1.74 17.75
C ALA A 189 6.69 1.75 19.20
N GLU A 190 6.84 2.88 19.89
CA GLU A 190 6.53 2.98 21.34
C GLU A 190 5.03 2.78 21.54
N VAL A 191 4.19 3.21 20.62
CA VAL A 191 2.75 2.92 20.77
C VAL A 191 2.52 1.41 20.51
N TYR A 192 3.19 0.80 19.55
CA TYR A 192 2.94 -0.63 19.26
C TYR A 192 3.36 -1.44 20.50
N HIS A 193 4.53 -1.15 21.08
CA HIS A 193 5.05 -1.82 22.32
C HIS A 193 4.10 -1.58 23.49
N ALA A 194 3.59 -0.36 23.67
CA ALA A 194 2.67 -0.06 24.76
C ALA A 194 1.44 -0.91 24.54
N LEU A 195 0.95 -1.03 23.31
CA LEU A 195 -0.30 -1.76 23.03
C LEU A 195 -0.09 -3.25 23.36
N LYS A 196 1.07 -3.83 23.11
CA LYS A 196 1.29 -5.24 23.52
C LYS A 196 1.00 -5.32 25.05
N SER A 197 1.61 -4.43 25.84
CA SER A 197 1.58 -4.46 27.33
CA SER A 197 1.58 -4.47 27.32
C SER A 197 0.14 -4.30 27.81
N VAL A 198 -0.61 -3.40 27.18
CA VAL A 198 -2.05 -3.19 27.44
C VAL A 198 -2.85 -4.45 27.05
N LEU A 199 -2.39 -5.24 26.07
CA LEU A 199 -3.15 -6.46 25.66
C LEU A 199 -2.90 -7.56 26.69
N LYS A 200 -1.69 -7.65 27.24
CA LYS A 200 -1.42 -8.56 28.38
C LYS A 200 -2.35 -8.13 29.54
N LYS A 201 -2.41 -6.83 29.88
CA LYS A 201 -3.20 -6.33 31.05
C LYS A 201 -4.66 -6.83 30.98
N GLU A 202 -5.20 -7.12 29.81
CA GLU A 202 -6.64 -7.41 29.65
C GLU A 202 -6.81 -8.89 29.27
N GLY A 203 -5.73 -9.66 29.35
CA GLY A 203 -5.69 -11.11 29.06
C GLY A 203 -5.99 -11.43 27.60
N LEU A 204 -6.20 -10.41 26.77
CA LEU A 204 -6.28 -10.49 25.28
C LEU A 204 -4.96 -11.02 24.70
N SER A 205 -5.06 -11.74 23.59
CA SER A 205 -3.94 -12.38 22.84
C SER A 205 -3.00 -11.31 22.27
N THR A 206 -1.70 -11.59 22.27
CA THR A 206 -0.59 -10.78 21.73
C THR A 206 0.05 -11.54 20.55
N GLY A 207 -0.63 -12.59 20.08
CA GLY A 207 -0.25 -13.30 18.83
C GLY A 207 -0.37 -12.37 17.63
N LEU A 208 0.58 -12.46 16.72
CA LEU A 208 0.66 -11.59 15.53
C LEU A 208 -0.10 -12.22 14.35
N GLY A 209 -0.48 -11.36 13.37
CA GLY A 209 -1.00 -11.72 12.03
C GLY A 209 -0.09 -11.22 10.91
N ASP A 210 -0.44 -11.54 9.65
CA ASP A 210 0.33 -11.28 8.41
C ASP A 210 0.93 -9.86 8.35
N ALA A 211 0.21 -8.80 8.75
CA ALA A 211 0.71 -7.41 8.58
C ALA A 211 1.51 -6.97 9.81
N GLY A 212 1.68 -7.88 10.77
CA GLY A 212 2.65 -7.72 11.87
C GLY A 212 2.00 -7.10 13.11
N GLY A 213 0.70 -6.76 12.98
CA GLY A 213 -0.11 -6.27 14.10
C GLY A 213 -0.79 -7.39 14.88
N PHE A 214 -1.52 -7.01 15.93
CA PHE A 214 -2.27 -7.91 16.86
C PHE A 214 -3.65 -8.20 16.26
N ALA A 215 -4.28 -9.33 16.61
CA ALA A 215 -5.73 -9.63 16.32
C ALA A 215 -6.48 -10.05 17.60
N PRO A 216 -6.67 -9.13 18.57
CA PRO A 216 -7.37 -9.45 19.80
C PRO A 216 -8.87 -9.64 19.52
N ASP A 217 -9.47 -10.59 20.24
CA ASP A 217 -10.89 -10.96 20.08
C ASP A 217 -11.70 -9.92 20.87
N VAL A 218 -11.98 -8.74 20.31
CA VAL A 218 -12.68 -7.65 21.04
C VAL A 218 -14.06 -7.39 20.41
N ALA A 219 -14.88 -6.60 21.12
CA ALA A 219 -16.34 -6.42 20.93
C ALA A 219 -16.63 -5.98 19.48
N GLY A 220 -15.96 -4.91 19.06
CA GLY A 220 -15.85 -4.46 17.66
C GLY A 220 -15.03 -3.20 17.57
N THR A 221 -15.47 -2.28 16.71
CA THR A 221 -14.69 -1.13 16.23
C THR A 221 -14.31 -0.21 17.41
N THR A 222 -15.25 0.20 18.23
CA THR A 222 -15.02 1.23 19.28
C THR A 222 -14.13 0.60 20.37
N ALA A 223 -14.34 -0.69 20.64
CA ALA A 223 -13.53 -1.39 21.66
C ALA A 223 -12.08 -1.27 21.19
N ALA A 224 -11.86 -1.52 19.90
CA ALA A 224 -10.51 -1.60 19.32
C ALA A 224 -9.88 -0.22 19.41
N LEU A 225 -10.65 0.81 19.06
CA LEU A 225 -10.15 2.20 19.09
C LEU A 225 -9.76 2.49 20.53
N ASP A 226 -10.59 2.12 21.49
CA ASP A 226 -10.36 2.50 22.91
C ASP A 226 -8.99 1.98 23.36
N LEU A 227 -8.67 0.73 22.97
CA LEU A 227 -7.40 0.06 23.37
C LEU A 227 -6.21 0.83 22.74
N ILE A 228 -6.32 1.23 21.47
CA ILE A 228 -5.22 1.98 20.81
C ILE A 228 -5.07 3.33 21.48
N SER A 229 -6.14 4.02 21.85
CA SER A 229 -6.04 5.32 22.56
C SER A 229 -5.23 5.10 23.83
N ARG A 230 -5.51 4.01 24.52
CA ARG A 230 -4.85 3.71 25.83
C ARG A 230 -3.36 3.61 25.62
N ALA A 231 -3.00 2.86 24.59
CA ALA A 231 -1.63 2.56 24.18
C ALA A 231 -0.91 3.87 23.84
N ILE A 232 -1.55 4.76 23.07
CA ILE A 232 -0.95 6.08 22.72
C ILE A 232 -0.62 6.85 24.01
N GLU A 233 -1.57 6.94 24.94
CA GLU A 233 -1.38 7.59 26.27
C GLU A 233 -0.33 6.81 27.04
N SER A 234 -0.39 5.48 27.03
CA SER A 234 0.62 4.70 27.79
C SER A 234 2.04 5.10 27.33
N ALA A 235 2.20 5.40 26.04
CA ALA A 235 3.47 5.85 25.45
C ALA A 235 3.75 7.32 25.78
N GLY A 236 2.92 8.08 26.49
CA GLY A 236 3.26 9.49 26.78
C GLY A 236 3.00 10.44 25.62
N LEU A 237 2.04 10.09 24.77
CA LEU A 237 1.69 10.87 23.57
C LEU A 237 0.20 11.23 23.67
N ARG A 238 -0.21 12.34 23.07
CA ARG A 238 -1.63 12.76 23.11
C ARG A 238 -2.37 12.23 21.88
N PRO A 239 -3.47 11.46 22.04
CA PRO A 239 -4.24 11.03 20.88
C PRO A 239 -4.66 12.23 20.06
N GLY A 240 -4.65 12.09 18.71
CA GLY A 240 -4.95 13.16 17.74
C GLY A 240 -3.83 14.17 17.51
N ALA A 241 -3.48 14.98 18.51
CA ALA A 241 -2.41 16.01 18.39
C ALA A 241 -1.09 15.35 18.06
N ASP A 242 -0.76 14.23 18.73
CA ASP A 242 0.51 13.50 18.47
C ASP A 242 0.23 12.31 17.55
N VAL A 243 -0.63 11.40 17.99
CA VAL A 243 -0.89 10.15 17.23
C VAL A 243 -2.37 10.10 16.96
N ALA A 244 -2.77 10.17 15.70
CA ALA A 244 -4.19 10.07 15.30
C ALA A 244 -4.45 8.64 14.84
N LEU A 245 -5.60 8.43 14.29
CA LEU A 245 -6.08 7.09 13.97
C LEU A 245 -6.53 7.05 12.52
N ALA A 246 -6.49 5.86 11.93
CA ALA A 246 -7.09 5.61 10.60
C ALA A 246 -7.51 4.16 10.55
N LEU A 247 -8.47 3.88 9.67
CA LEU A 247 -9.06 2.53 9.48
C LEU A 247 -8.86 2.16 8.04
N ASP A 248 -8.72 0.87 7.81
CA ASP A 248 -9.04 0.30 6.49
C ASP A 248 -10.19 -0.63 6.80
N ALA A 249 -11.41 -0.21 6.46
CA ALA A 249 -12.66 -0.99 6.60
C ALA A 249 -12.61 -2.16 5.62
N ALA A 250 -11.99 -1.98 4.48
CA ALA A 250 -12.00 -2.99 3.39
C ALA A 250 -13.41 -3.56 3.24
N ALA A 251 -14.42 -2.69 3.04
CA ALA A 251 -15.87 -3.01 3.16
C ALA A 251 -16.37 -4.03 2.08
N THR A 252 -15.75 -4.16 0.90
CA THR A 252 -15.97 -5.31 -0.01
C THR A 252 -15.94 -6.64 0.76
N GLU A 253 -15.06 -6.80 1.75
CA GLU A 253 -14.89 -8.09 2.48
C GLU A 253 -16.17 -8.42 3.27
N PHE A 254 -16.96 -7.44 3.72
CA PHE A 254 -18.23 -7.68 4.43
C PHE A 254 -19.43 -7.16 3.59
N PHE A 255 -19.34 -7.28 2.25
CA PHE A 255 -20.43 -6.86 1.34
C PHE A 255 -20.94 -8.08 0.59
N THR A 256 -22.25 -8.18 0.45
CA THR A 256 -22.91 -9.22 -0.36
C THR A 256 -23.39 -8.51 -1.63
N ASP A 257 -22.95 -9.01 -2.80
CA ASP A 257 -23.32 -8.53 -4.16
C ASP A 257 -24.86 -8.35 -4.24
N GLY A 258 -25.29 -7.12 -4.56
CA GLY A 258 -26.71 -6.74 -4.69
C GLY A 258 -27.43 -6.59 -3.35
N THR A 259 -26.76 -6.77 -2.18
CA THR A 259 -27.49 -7.10 -0.91
C THR A 259 -27.27 -6.05 0.20
N GLY A 260 -26.00 -5.74 0.57
CA GLY A 260 -25.70 -4.80 1.67
C GLY A 260 -24.48 -5.18 2.50
N TYR A 261 -24.27 -4.48 3.62
CA TYR A 261 -23.00 -4.45 4.39
C TYR A 261 -23.25 -5.17 5.74
N VAL A 262 -22.83 -6.44 5.83
CA VAL A 262 -23.06 -7.29 7.04
C VAL A 262 -22.01 -6.90 8.10
N PHE A 263 -22.34 -5.94 8.96
CA PHE A 263 -21.33 -5.17 9.72
C PHE A 263 -21.79 -5.05 11.17
N GLU A 264 -21.03 -5.66 12.07
CA GLU A 264 -21.30 -5.67 13.52
C GLU A 264 -22.71 -6.21 13.80
N GLY A 265 -22.99 -7.39 13.25
CA GLY A 265 -24.27 -8.11 13.45
C GLY A 265 -25.50 -7.41 12.94
N THR A 266 -25.43 -6.81 11.75
CA THR A 266 -26.62 -6.23 11.06
C THR A 266 -26.32 -6.08 9.56
N THR A 267 -27.36 -6.15 8.73
CA THR A 267 -27.15 -5.80 7.31
C THR A 267 -27.43 -4.31 7.26
N ARG A 268 -26.52 -3.52 6.69
CA ARG A 268 -26.72 -2.05 6.62
C ARG A 268 -26.52 -1.60 5.18
N THR A 269 -27.17 -0.47 4.84
CA THR A 269 -27.08 0.28 3.56
C THR A 269 -25.79 1.10 3.55
N ALA A 270 -25.39 1.56 2.36
CA ALA A 270 -24.21 2.46 2.20
C ALA A 270 -24.40 3.65 3.14
N ASP A 271 -25.61 4.19 3.16
CA ASP A 271 -25.99 5.37 3.96
C ASP A 271 -25.85 5.09 5.47
N GLN A 272 -26.07 3.85 5.90
CA GLN A 272 -26.04 3.48 7.33
C GLN A 272 -24.57 3.37 7.77
N MET A 273 -23.80 2.65 6.99
CA MET A 273 -22.32 2.62 7.11
C MET A 273 -21.87 4.07 7.30
N THR A 274 -22.28 4.97 6.40
CA THR A 274 -21.94 6.43 6.46
C THR A 274 -22.31 6.95 7.88
N GLU A 275 -23.54 6.75 8.33
CA GLU A 275 -23.97 7.24 9.66
C GLU A 275 -22.94 6.72 10.70
N PHE A 276 -22.58 5.43 10.59
CA PHE A 276 -21.66 4.74 11.52
C PHE A 276 -20.31 5.49 11.56
N TYR A 277 -19.76 5.74 10.38
CA TYR A 277 -18.44 6.39 10.20
C TYR A 277 -18.45 7.81 10.76
N ALA A 278 -19.49 8.57 10.43
CA ALA A 278 -19.70 9.94 10.96
C ALA A 278 -19.76 9.88 12.49
N GLY A 279 -20.40 8.83 13.04
CA GLY A 279 -20.37 8.53 14.48
C GLY A 279 -18.94 8.52 15.03
N LEU A 280 -18.09 7.68 14.44
CA LEU A 280 -16.67 7.49 14.89
C LEU A 280 -15.90 8.82 14.72
N LEU A 281 -16.15 9.59 13.67
CA LEU A 281 -15.46 10.92 13.49
C LEU A 281 -15.65 11.82 14.71
N GLY A 282 -16.88 11.83 15.25
CA GLY A 282 -17.31 12.64 16.40
C GLY A 282 -16.63 12.22 17.68
N ALA A 283 -16.47 10.90 17.85
CA ALA A 283 -15.95 10.27 19.09
C ALA A 283 -14.41 10.05 19.10
N TYR A 284 -13.71 10.08 17.97
CA TYR A 284 -12.28 9.63 17.85
C TYR A 284 -11.48 10.52 16.89
N PRO A 285 -10.17 10.74 17.15
CA PRO A 285 -9.33 11.56 16.26
C PRO A 285 -8.92 10.85 14.95
N LEU A 286 -9.86 10.72 14.01
CA LEU A 286 -9.70 9.96 12.74
C LEU A 286 -9.23 10.90 11.63
N VAL A 287 -8.12 10.57 10.96
CA VAL A 287 -7.55 11.34 9.83
C VAL A 287 -7.94 10.67 8.51
N SER A 288 -8.25 9.39 8.49
CA SER A 288 -8.38 8.65 7.21
C SER A 288 -9.19 7.38 7.46
N ILE A 289 -10.07 7.08 6.51
CA ILE A 289 -10.81 5.80 6.41
C ILE A 289 -10.70 5.25 4.99
N GLU A 290 -10.25 4.02 4.84
CA GLU A 290 -10.02 3.45 3.51
C GLU A 290 -11.13 2.45 3.23
N ASP A 291 -11.50 2.32 1.97
CA ASP A 291 -12.61 1.42 1.52
C ASP A 291 -13.71 1.34 2.59
N PRO A 292 -14.32 2.47 3.01
CA PRO A 292 -15.53 2.42 3.84
C PRO A 292 -16.74 1.72 3.19
N LEU A 293 -16.82 1.66 1.86
CA LEU A 293 -17.85 0.89 1.10
C LEU A 293 -17.18 0.05 0.00
N SER A 294 -17.96 -0.69 -0.79
CA SER A 294 -17.41 -1.86 -1.56
C SER A 294 -16.90 -1.39 -2.92
N GLU A 295 -16.23 -2.27 -3.67
CA GLU A 295 -15.39 -1.95 -4.86
C GLU A 295 -16.22 -1.39 -6.05
N ASP A 296 -17.53 -1.67 -6.13
CA ASP A 296 -18.43 -1.19 -7.23
C ASP A 296 -19.66 -0.43 -6.68
N ASP A 297 -19.68 -0.03 -5.39
CA ASP A 297 -20.77 0.77 -4.75
C ASP A 297 -20.58 2.26 -5.06
N TRP A 298 -20.58 2.59 -6.35
CA TRP A 298 -20.29 3.95 -6.90
C TRP A 298 -21.20 5.02 -6.30
N ASP A 299 -22.50 4.75 -6.13
CA ASP A 299 -23.49 5.73 -5.59
C ASP A 299 -23.30 5.94 -4.08
N GLY A 300 -23.12 4.86 -3.30
CA GLY A 300 -22.85 4.98 -1.85
C GLY A 300 -21.56 5.80 -1.58
N TRP A 301 -20.49 5.45 -2.27
CA TRP A 301 -19.20 6.15 -2.11
C TRP A 301 -19.43 7.67 -2.30
N ALA A 302 -20.11 8.04 -3.40
CA ALA A 302 -20.41 9.47 -3.76
C ALA A 302 -21.20 10.11 -2.61
N ALA A 303 -22.20 9.40 -2.12
CA ALA A 303 -23.04 9.88 -1.02
C ALA A 303 -22.16 10.14 0.23
N LEU A 304 -21.34 9.14 0.61
CA LEU A 304 -20.47 9.18 1.82
C LEU A 304 -19.45 10.32 1.70
N THR A 305 -18.74 10.44 0.58
CA THR A 305 -17.76 11.54 0.32
C THR A 305 -18.44 12.90 0.56
N ALA A 306 -19.56 13.13 -0.12
CA ALA A 306 -20.38 14.34 0.06
C ALA A 306 -20.74 14.56 1.55
N SER A 307 -21.09 13.51 2.29
CA SER A 307 -21.48 13.59 3.73
CA SER A 307 -21.48 13.60 3.73
C SER A 307 -20.27 13.92 4.64
N ILE A 308 -19.11 13.23 4.47
CA ILE A 308 -17.99 13.31 5.47
C ILE A 308 -16.61 13.65 4.86
N GLY A 309 -16.50 13.67 3.54
CA GLY A 309 -15.28 13.95 2.77
C GLY A 309 -14.58 15.24 3.19
N ASP A 310 -15.32 16.22 3.72
CA ASP A 310 -14.76 17.52 4.19
C ASP A 310 -14.17 17.35 5.59
N ARG A 311 -14.58 16.29 6.28
CA ARG A 311 -14.23 16.07 7.71
C ARG A 311 -13.03 15.14 7.81
N VAL A 312 -12.71 14.39 6.74
CA VAL A 312 -11.87 13.17 6.83
C VAL A 312 -11.40 12.74 5.43
N GLN A 313 -10.13 12.34 5.33
CA GLN A 313 -9.64 11.68 4.11
C GLN A 313 -10.45 10.39 3.87
N ILE A 314 -10.97 10.21 2.66
CA ILE A 314 -11.62 8.96 2.24
C ILE A 314 -10.75 8.35 1.16
N VAL A 315 -10.29 7.11 1.38
CA VAL A 315 -9.28 6.44 0.51
C VAL A 315 -9.95 5.32 -0.29
N GLY A 316 -9.75 5.35 -1.61
CA GLY A 316 -10.14 4.23 -2.46
C GLY A 316 -8.97 3.28 -2.63
N ASP A 317 -9.18 2.00 -2.27
CA ASP A 317 -8.22 0.92 -2.55
C ASP A 317 -8.86 0.06 -3.64
N ASP A 318 -9.73 -0.88 -3.25
CA ASP A 318 -10.25 -1.94 -4.14
C ASP A 318 -11.08 -1.29 -5.28
N ILE A 319 -11.72 -0.15 -5.00
CA ILE A 319 -12.60 0.58 -5.98
C ILE A 319 -11.76 1.16 -7.13
N PHE A 320 -10.46 1.43 -6.95
CA PHE A 320 -9.59 2.07 -7.96
C PHE A 320 -8.53 1.10 -8.51
N VAL A 321 -8.12 0.15 -7.66
CA VAL A 321 -6.98 -0.78 -7.89
C VAL A 321 -5.87 -0.04 -8.62
N THR A 322 -5.53 1.14 -8.16
CA THR A 322 -4.39 1.86 -8.77
C THR A 322 -4.59 1.90 -10.32
N ASN A 323 -5.82 2.06 -10.80
CA ASN A 323 -6.16 1.91 -12.25
C ASN A 323 -6.63 3.27 -12.77
N PRO A 324 -5.91 3.94 -13.70
CA PRO A 324 -6.31 5.26 -14.20
C PRO A 324 -7.76 5.31 -14.71
N GLU A 325 -8.24 4.23 -15.36
CA GLU A 325 -9.62 4.20 -15.94
C GLU A 325 -10.59 4.30 -14.76
N ARG A 326 -10.29 3.63 -13.64
CA ARG A 326 -11.22 3.52 -12.48
C ARG A 326 -11.15 4.77 -11.60
N LEU A 327 -9.95 5.32 -11.42
CA LEU A 327 -9.77 6.58 -10.65
C LEU A 327 -10.51 7.74 -11.32
N GLU A 328 -10.39 7.89 -12.64
CA GLU A 328 -11.12 8.86 -13.50
C GLU A 328 -12.64 8.76 -13.28
N GLU A 329 -13.16 7.53 -13.21
CA GLU A 329 -14.60 7.30 -13.00
C GLU A 329 -14.98 7.89 -11.63
N GLY A 330 -14.13 7.66 -10.62
CA GLY A 330 -14.39 8.14 -9.24
C GLY A 330 -14.24 9.64 -9.12
N ILE A 331 -13.25 10.22 -9.81
CA ILE A 331 -13.05 11.71 -9.74
C ILE A 331 -14.27 12.44 -10.35
N GLU A 332 -14.72 12.00 -11.53
CA GLU A 332 -15.97 12.52 -12.15
C GLU A 332 -17.12 12.34 -11.18
N ARG A 333 -17.24 11.18 -10.51
CA ARG A 333 -18.46 10.89 -9.71
C ARG A 333 -18.36 11.53 -8.32
N GLY A 334 -17.25 12.19 -8.02
CA GLY A 334 -17.00 12.79 -6.70
C GLY A 334 -16.81 11.70 -5.67
N VAL A 335 -16.17 10.62 -6.09
CA VAL A 335 -15.95 9.41 -5.26
C VAL A 335 -14.54 9.41 -4.67
N ALA A 336 -14.46 9.54 -3.33
CA ALA A 336 -13.28 9.57 -2.44
C ALA A 336 -12.40 10.83 -2.64
N ASN A 337 -11.39 11.00 -1.81
CA ASN A 337 -10.52 12.20 -1.91
C ASN A 337 -9.07 11.74 -1.84
N ALA A 338 -8.86 10.44 -1.86
CA ALA A 338 -7.48 9.87 -1.87
C ALA A 338 -7.51 8.52 -2.58
N LEU A 339 -6.35 8.15 -3.09
CA LEU A 339 -6.05 6.89 -3.80
C LEU A 339 -4.99 6.10 -2.98
N LEU A 340 -5.24 4.81 -2.74
CA LEU A 340 -4.18 3.89 -2.27
C LEU A 340 -3.36 3.42 -3.46
N VAL A 341 -2.04 3.51 -3.36
CA VAL A 341 -1.19 3.21 -4.54
C VAL A 341 -0.44 1.90 -4.32
N LYS A 342 -0.82 0.88 -5.10
CA LYS A 342 -0.24 -0.48 -5.04
C LYS A 342 0.21 -0.82 -6.45
N VAL A 343 1.52 -0.71 -6.65
CA VAL A 343 2.17 -0.92 -7.97
C VAL A 343 1.71 -2.22 -8.61
N ASN A 344 1.58 -3.29 -7.85
CA ASN A 344 1.21 -4.63 -8.36
C ASN A 344 -0.26 -4.71 -8.80
N GLN A 345 -1.13 -3.81 -8.36
CA GLN A 345 -2.53 -3.77 -8.83
C GLN A 345 -2.59 -3.42 -10.32
N ILE A 346 -1.69 -2.57 -10.78
CA ILE A 346 -1.65 -2.08 -12.18
C ILE A 346 -0.59 -2.82 -13.01
N GLY A 347 0.62 -3.01 -12.50
CA GLY A 347 1.58 -3.93 -13.17
C GLY A 347 2.80 -3.24 -13.73
N THR A 348 2.81 -1.91 -13.84
CA THR A 348 3.97 -1.14 -14.26
C THR A 348 4.14 0.12 -13.42
N LEU A 349 5.35 0.61 -13.39
CA LEU A 349 5.69 1.88 -12.73
C LEU A 349 5.03 3.00 -13.54
N THR A 350 5.21 2.99 -14.86
CA THR A 350 4.60 4.01 -15.75
C THR A 350 3.12 4.14 -15.37
N GLU A 351 2.34 3.06 -15.43
CA GLU A 351 0.88 3.18 -15.18
C GLU A 351 0.60 3.59 -13.73
N THR A 352 1.48 3.25 -12.80
CA THR A 352 1.35 3.69 -11.39
C THR A 352 1.45 5.22 -11.35
N LEU A 353 2.46 5.79 -12.01
CA LEU A 353 2.67 7.26 -11.97
C LEU A 353 1.58 8.03 -12.74
N ASP A 354 1.08 7.48 -13.86
CA ASP A 354 -0.09 8.04 -14.57
C ASP A 354 -1.24 8.09 -13.59
N ALA A 355 -1.44 7.06 -12.79
CA ALA A 355 -2.54 7.08 -11.81
C ALA A 355 -2.28 8.11 -10.73
N VAL A 356 -1.03 8.28 -10.29
CA VAL A 356 -0.73 9.27 -9.24
C VAL A 356 -1.05 10.66 -9.79
N THR A 357 -0.64 10.89 -11.05
CA THR A 357 -0.75 12.18 -11.76
C THR A 357 -2.22 12.59 -11.82
N LEU A 358 -3.04 11.70 -12.32
CA LEU A 358 -4.51 11.88 -12.32
C LEU A 358 -4.99 12.23 -10.92
N ALA A 359 -4.52 11.50 -9.91
CA ALA A 359 -4.95 11.76 -8.52
C ALA A 359 -4.51 13.18 -8.12
N HIS A 360 -3.21 13.48 -8.20
CA HIS A 360 -2.57 14.69 -7.62
C HIS A 360 -3.17 15.90 -8.32
N HIS A 361 -3.09 15.90 -9.65
CA HIS A 361 -3.67 16.99 -10.49
C HIS A 361 -5.16 17.13 -10.15
N GLY A 362 -5.84 16.10 -9.61
CA GLY A 362 -7.32 16.08 -9.42
C GLY A 362 -7.78 16.54 -8.02
N GLY A 363 -6.84 17.06 -7.21
CA GLY A 363 -7.03 17.35 -5.78
C GLY A 363 -6.87 16.15 -4.82
N TYR A 364 -6.69 14.91 -5.31
CA TYR A 364 -6.70 13.69 -4.46
C TYR A 364 -5.31 13.51 -3.85
N ARG A 365 -5.26 13.05 -2.61
CA ARG A 365 -4.01 12.63 -1.98
C ARG A 365 -3.75 11.18 -2.39
N THR A 366 -2.50 10.75 -2.19
CA THR A 366 -2.04 9.39 -2.40
C THR A 366 -1.48 8.81 -1.11
N MET A 367 -1.67 7.51 -0.92
CA MET A 367 -1.02 6.73 0.14
C MET A 367 -0.41 5.50 -0.54
N ILE A 368 0.90 5.46 -0.68
CA ILE A 368 1.68 4.25 -1.09
C ILE A 368 1.44 3.12 -0.10
N SER A 369 1.17 1.92 -0.60
CA SER A 369 0.78 0.76 0.22
C SER A 369 1.65 -0.46 -0.08
N HIS A 370 1.92 -1.21 0.97
CA HIS A 370 2.46 -2.58 0.89
C HIS A 370 1.33 -3.51 0.43
N ARG A 371 1.66 -4.79 0.29
CA ARG A 371 0.74 -5.92 0.14
C ARG A 371 0.93 -6.85 1.37
N SER A 372 -0.03 -7.71 1.68
CA SER A 372 0.09 -8.71 2.76
C SER A 372 1.40 -9.47 2.58
N GLY A 373 1.61 -9.96 1.39
CA GLY A 373 2.82 -10.69 0.96
C GLY A 373 3.85 -9.72 0.42
N GLU A 374 4.79 -9.34 1.28
CA GLU A 374 5.87 -8.39 0.98
C GLU A 374 7.21 -9.11 0.85
N THR A 375 8.23 -8.34 0.49
CA THR A 375 9.60 -8.88 0.36
C THR A 375 10.52 -7.94 1.08
N GLU A 376 11.79 -8.26 1.06
CA GLU A 376 12.89 -7.45 1.66
C GLU A 376 13.06 -6.16 0.81
N ASP A 377 12.37 -6.08 -0.32
CA ASP A 377 12.40 -4.93 -1.25
C ASP A 377 11.85 -3.64 -0.61
N THR A 378 12.56 -2.51 -0.72
CA THR A 378 12.14 -1.23 -0.07
C THR A 378 11.72 -0.17 -1.08
N MET A 379 11.50 -0.56 -2.32
CA MET A 379 11.17 0.38 -3.44
CA MET A 379 11.22 0.43 -3.42
C MET A 379 10.05 1.34 -3.03
N ILE A 380 9.05 0.80 -2.34
CA ILE A 380 7.91 1.67 -1.99
C ILE A 380 8.35 2.74 -1.01
N ALA A 381 9.39 2.64 -0.20
CA ALA A 381 9.76 3.79 0.65
C ALA A 381 10.24 4.89 -0.30
N ASP A 382 11.08 4.54 -1.29
CA ASP A 382 11.61 5.50 -2.30
C ASP A 382 10.44 6.13 -3.09
N LEU A 383 9.50 5.31 -3.52
CA LEU A 383 8.33 5.77 -4.33
C LEU A 383 7.52 6.81 -3.54
N ALA A 384 7.30 6.60 -2.25
CA ALA A 384 6.47 7.51 -1.42
C ALA A 384 7.17 8.85 -1.37
N VAL A 385 8.47 8.87 -1.21
CA VAL A 385 9.18 10.18 -1.23
C VAL A 385 9.20 10.72 -2.67
N ALA A 386 9.44 9.86 -3.67
CA ALA A 386 9.53 10.29 -5.09
C ALA A 386 8.27 11.08 -5.43
N ILE A 387 7.07 10.59 -5.08
CA ILE A 387 5.82 11.25 -5.52
C ILE A 387 5.33 12.23 -4.45
N GLY A 388 6.05 12.39 -3.34
CA GLY A 388 5.64 13.35 -2.31
C GLY A 388 4.22 13.07 -1.84
N SER A 389 3.88 11.78 -1.67
CA SER A 389 2.55 11.37 -1.13
C SER A 389 2.33 11.92 0.29
N GLY A 390 3.36 12.03 1.11
CA GLY A 390 3.17 12.47 2.51
C GLY A 390 2.50 11.41 3.39
N GLN A 391 2.27 10.21 2.86
CA GLN A 391 1.54 9.11 3.53
C GLN A 391 2.00 7.78 2.96
N ILE A 392 2.32 6.83 3.86
CA ILE A 392 2.63 5.41 3.48
C ILE A 392 1.95 4.48 4.46
N LYS A 393 1.47 3.39 3.91
CA LYS A 393 0.87 2.25 4.63
C LYS A 393 1.73 1.03 4.30
N THR A 394 2.64 0.71 5.20
CA THR A 394 3.59 -0.42 5.01
C THR A 394 3.78 -1.23 6.30
N GLY A 395 2.75 -1.27 7.14
CA GLY A 395 2.69 -2.17 8.30
C GLY A 395 3.00 -1.61 9.67
N ALA A 396 2.86 -2.50 10.63
CA ALA A 396 3.21 -2.29 12.04
C ALA A 396 4.73 -2.20 12.14
N PRO A 397 5.33 -1.55 13.14
CA PRO A 397 6.78 -1.53 13.27
C PRO A 397 7.44 -2.78 13.87
N ALA A 398 7.14 -3.94 13.31
CA ALA A 398 7.62 -5.30 13.56
C ALA A 398 7.50 -6.06 12.24
N ARG A 399 8.39 -7.04 12.01
CA ARG A 399 8.57 -7.88 10.79
C ARG A 399 9.42 -7.07 9.79
N SER A 400 10.55 -7.62 9.37
CA SER A 400 11.45 -6.89 8.46
C SER A 400 10.80 -6.58 7.09
N GLU A 401 9.84 -7.35 6.62
CA GLU A 401 9.14 -6.95 5.37
C GLU A 401 8.41 -5.61 5.57
N ARG A 402 8.18 -5.19 6.81
CA ARG A 402 7.54 -3.89 7.10
C ARG A 402 8.65 -2.92 7.48
N VAL A 403 9.50 -3.31 8.40
CA VAL A 403 10.53 -2.43 9.02
C VAL A 403 11.61 -2.04 7.99
N ALA A 404 11.95 -2.92 7.02
CA ALA A 404 12.89 -2.60 5.92
C ALA A 404 12.48 -1.28 5.22
N LYS A 405 11.17 -1.07 5.00
CA LYS A 405 10.65 0.19 4.44
C LYS A 405 10.90 1.36 5.39
N TYR A 406 10.61 1.22 6.67
CA TYR A 406 10.79 2.31 7.66
C TYR A 406 12.29 2.62 7.75
N ASN A 407 13.12 1.60 7.74
CA ASN A 407 14.59 1.74 7.83
C ASN A 407 15.08 2.51 6.61
N GLN A 408 14.49 2.23 5.45
CA GLN A 408 14.87 2.89 4.18
C GLN A 408 14.42 4.35 4.28
N LEU A 409 13.26 4.65 4.85
CA LEU A 409 12.84 6.07 5.05
C LEU A 409 13.80 6.77 6.01
N LEU A 410 14.34 6.08 7.02
CA LEU A 410 15.33 6.75 7.90
C LEU A 410 16.49 7.14 7.01
N ARG A 411 16.95 6.23 6.15
CA ARG A 411 18.16 6.43 5.28
C ARG A 411 17.92 7.60 4.31
N ILE A 412 16.71 7.72 3.77
CA ILE A 412 16.39 8.77 2.79
C ILE A 412 16.39 10.08 3.56
N GLU A 413 15.72 10.15 4.70
CA GLU A 413 15.72 11.35 5.56
C GLU A 413 17.16 11.79 5.85
N GLU A 414 18.03 10.86 6.15
CA GLU A 414 19.41 11.18 6.55
C GLU A 414 20.14 11.78 5.33
N ALA A 415 19.98 11.14 4.17
CA ALA A 415 20.57 11.56 2.89
C ALA A 415 20.06 12.97 2.51
N LEU A 416 18.79 13.29 2.75
CA LEU A 416 18.26 14.63 2.42
C LEU A 416 18.75 15.73 3.35
N GLY A 417 19.17 15.41 4.55
CA GLY A 417 19.74 16.44 5.42
C GLY A 417 18.69 17.45 5.81
N ASP A 418 19.05 18.73 5.89
CA ASP A 418 18.07 19.81 6.16
C ASP A 418 17.08 20.00 5.00
N ALA A 419 17.22 19.29 3.87
CA ALA A 419 16.24 19.32 2.76
C ALA A 419 15.02 18.44 3.05
N ALA A 420 15.10 17.49 3.97
CA ALA A 420 13.96 16.62 4.34
C ALA A 420 12.83 17.47 4.90
N ARG A 421 11.57 17.22 4.52
CA ARG A 421 10.41 17.72 5.31
C ARG A 421 9.47 16.56 5.69
N TYR A 422 9.11 16.44 6.95
CA TYR A 422 8.12 15.46 7.42
C TYR A 422 6.72 16.02 7.12
N ALA A 423 5.90 15.26 6.40
CA ALA A 423 4.55 15.70 5.99
C ALA A 423 3.77 16.08 7.27
N GLY A 424 3.91 15.32 8.35
CA GLY A 424 3.16 15.49 9.61
C GLY A 424 1.72 15.90 9.35
N ASP A 425 1.21 16.90 10.08
CA ASP A 425 -0.24 17.25 10.07
C ASP A 425 -0.63 17.87 8.72
N LEU A 426 0.33 18.39 7.94
CA LEU A 426 0.05 18.89 6.57
C LEU A 426 -0.41 17.75 5.64
N ALA A 427 -0.26 16.46 5.96
CA ALA A 427 -0.86 15.37 5.15
C ALA A 427 -2.38 15.33 5.33
N PHE A 428 -2.94 15.86 6.42
CA PHE A 428 -4.38 15.71 6.80
C PHE A 428 -5.01 17.05 7.19
N PRO A 429 -5.25 17.93 6.20
CA PRO A 429 -5.61 19.32 6.50
C PRO A 429 -7.08 19.37 6.98
N ARG A 430 -7.86 18.32 6.69
CA ARG A 430 -9.25 18.19 7.19
C ARG A 430 -9.32 17.95 8.70
N PHE A 431 -8.22 17.49 9.35
CA PHE A 431 -8.16 17.22 10.81
C PHE A 431 -7.67 18.47 11.59
C1 PEP B . -4.71 -3.94 2.11
O1 PEP B . -4.57 -2.75 1.94
O2' PEP B . -5.80 -4.50 1.92
C2 PEP B . -3.61 -4.71 2.62
C3 PEP B . -2.59 -4.22 3.46
O2 PEP B . -3.56 -6.09 2.31
P PEP B . -3.68 -6.81 0.82
O1P PEP B . -2.30 -7.10 0.26
O2P PEP B . -4.52 -8.11 0.91
O3P PEP B . -4.33 -5.81 -0.11
C1 PEG C . 15.87 -2.36 -29.39
O1 PEG C . 16.43 -2.31 -30.65
C2 PEG C . 14.48 -2.90 -29.45
O2 PEG C . 14.43 -4.19 -28.84
C3 PEG C . 13.31 -4.95 -29.28
C4 PEG C . 13.79 -6.23 -29.89
O4 PEG C . 12.75 -6.92 -30.51
C1 PEG D . 9.95 13.21 23.37
O1 PEG D . 8.94 13.66 22.47
C2 PEG D . 9.54 11.91 24.00
O2 PEG D . 8.41 11.42 23.27
C3 PEG D . 7.69 10.38 23.95
C4 PEG D . 7.32 9.32 22.94
O4 PEG D . 6.31 8.44 23.37
C1 EDO E . 5.09 12.08 -9.87
O1 EDO E . 3.72 12.20 -10.24
C2 EDO E . 5.77 13.37 -9.64
O2 EDO E . 7.09 13.37 -10.14
C ACT F . 1.64 2.85 -20.90
O ACT F . 2.62 3.52 -21.36
OXT ACT F . 1.75 1.72 -20.39
CH3 ACT F . 0.21 3.46 -20.94
C ACT G . 24.27 -13.22 -4.92
O ACT G . 24.50 -12.59 -3.89
OXT ACT G . 23.38 -12.87 -5.72
CH3 ACT G . 25.13 -14.47 -5.22
MG MG H . -7.19 -2.15 1.63
#